data_4M8H
#
_entry.id   4M8H
#
_cell.length_a   65.920
_cell.length_b   65.920
_cell.length_c   111.650
_cell.angle_alpha   90.00
_cell.angle_beta   90.00
_cell.angle_gamma   90.00
#
_symmetry.space_group_name_H-M   'P 43 21 2'
#
loop_
_entity.id
_entity.type
_entity.pdbx_description
1 polymer 'Retinoic acid receptor RXR-alpha'
2 polymer 'Nuclear receptor coactivator 2'
3 non-polymer '(2E,6Z,8E)-3,7-dimethyl-8-[(4R)-4-methyl-3,4-dihydronaphthalen-1(2H)-ylidene]octa-2,6-dienoic acid'
4 water water
#
loop_
_entity_poly.entity_id
_entity_poly.type
_entity_poly.pdbx_seq_one_letter_code
_entity_poly.pdbx_strand_id
1 'polypeptide(L)'
;EDMPVERILEAELAVEPKTETYVEANMGLNPSSPNDPVTNICQAADKQLFTLVEWAKRIPHFSELPLDDQVILLRAGWNE
LLIASFSHRSIAVKDGILLATGLHVHRNSAHSAGVGAIFDRVLTELVSKMRDMQMDKTELGCLRAIVLFNPDSKGLSNPA
EVEALREKVYASLEAYCKHKYPEQPGRFAKLLLRLPALRSIGLKCLEHLFFFKLIGDTPIDTFLMEMLEAP
;
A
2 'polypeptide(L)' KHKILHRLLQD B
#
loop_
_chem_comp.id
_chem_comp.type
_chem_comp.name
_chem_comp.formula
R4M non-polymer '(2E,6Z,8E)-3,7-dimethyl-8-[(4R)-4-methyl-3,4-dihydronaphthalen-1(2H)-ylidene]octa-2,6-dienoic acid' 'C21 H26 O2'
#
# COMPACT_ATOMS: atom_id res chain seq x y z
N GLU A 1 20.04 -3.29 -11.30
CA GLU A 1 20.94 -2.10 -11.39
C GLU A 1 20.14 -0.80 -11.45
N ASP A 2 20.58 0.20 -10.70
CA ASP A 2 19.92 1.51 -10.65
C ASP A 2 18.53 1.48 -9.98
N MET A 3 18.49 1.89 -8.72
CA MET A 3 17.24 1.90 -7.96
C MET A 3 17.53 2.64 -6.66
N PRO A 4 17.92 3.92 -6.76
CA PRO A 4 18.23 4.76 -5.59
C PRO A 4 17.06 5.05 -4.68
N VAL A 5 17.32 5.05 -3.37
CA VAL A 5 16.27 5.30 -2.40
C VAL A 5 15.82 6.75 -2.44
N GLU A 6 16.65 7.62 -3.00
CA GLU A 6 16.29 9.03 -3.09
C GLU A 6 15.05 9.20 -3.95
N ARG A 7 15.02 8.53 -5.10
CA ARG A 7 13.89 8.59 -6.02
C ARG A 7 12.62 8.05 -5.32
N ILE A 8 12.79 6.94 -4.60
CA ILE A 8 11.68 6.33 -3.89
C ILE A 8 11.12 7.30 -2.84
N LEU A 9 12.00 7.81 -1.99
CA LEU A 9 11.61 8.76 -0.94
C LEU A 9 10.83 9.91 -1.54
N GLU A 10 11.33 10.41 -2.67
CA GLU A 10 10.70 11.54 -3.37
C GLU A 10 9.27 11.17 -3.79
N ALA A 11 9.11 9.97 -4.34
CA ALA A 11 7.79 9.53 -4.76
C ALA A 11 6.83 9.56 -3.56
N GLU A 12 7.35 9.22 -2.38
CA GLU A 12 6.54 9.22 -1.18
C GLU A 12 6.18 10.64 -0.76
N LEU A 13 7.15 11.54 -0.80
CA LEU A 13 6.90 12.92 -0.40
C LEU A 13 6.05 13.69 -1.39
N ALA A 14 6.13 13.29 -2.65
CA ALA A 14 5.37 13.96 -3.70
C ALA A 14 3.89 13.61 -3.69
N VAL A 15 3.55 12.41 -3.25
CA VAL A 15 2.16 11.96 -3.26
C VAL A 15 1.41 12.21 -1.96
N GLU A 16 2.15 12.43 -0.87
CA GLU A 16 1.52 12.67 0.42
C GLU A 16 2.27 13.69 1.27
N PRO A 17 1.60 14.80 1.63
CA PRO A 17 2.19 15.86 2.45
C PRO A 17 2.34 15.47 3.92
N ASN A 35 -20.77 9.71 7.84
CA ASN A 35 -20.67 9.38 9.27
C ASN A 35 -20.10 7.98 9.49
N ASP A 36 -20.70 6.99 8.82
CA ASP A 36 -20.25 5.61 8.95
C ASP A 36 -18.76 5.55 8.62
N PRO A 37 -17.94 5.10 9.57
CA PRO A 37 -16.50 5.00 9.34
C PRO A 37 -16.13 4.22 8.08
N VAL A 38 -16.83 3.11 7.84
CA VAL A 38 -16.56 2.31 6.65
C VAL A 38 -16.73 3.15 5.38
N THR A 39 -17.84 3.86 5.27
CA THR A 39 -18.08 4.71 4.11
C THR A 39 -16.91 5.67 3.91
N ASN A 40 -16.49 6.34 4.98
CA ASN A 40 -15.38 7.27 4.91
C ASN A 40 -14.09 6.60 4.44
N ILE A 41 -13.79 5.42 4.99
CA ILE A 41 -12.60 4.68 4.60
C ILE A 41 -12.66 4.33 3.11
N CYS A 42 -13.82 3.89 2.65
CA CYS A 42 -13.98 3.55 1.24
C CYS A 42 -13.79 4.76 0.33
N GLN A 43 -14.33 5.90 0.71
CA GLN A 43 -14.18 7.09 -0.11
C GLN A 43 -12.71 7.48 -0.18
N ALA A 44 -12.04 7.39 0.97
CA ALA A 44 -10.62 7.70 1.07
C ALA A 44 -9.80 6.73 0.22
N ALA A 45 -10.26 5.48 0.12
CA ALA A 45 -9.56 4.46 -0.68
C ALA A 45 -9.66 4.80 -2.16
N ASP A 46 -10.83 5.27 -2.58
CA ASP A 46 -11.03 5.61 -3.98
C ASP A 46 -10.14 6.80 -4.33
N LYS A 47 -10.12 7.80 -3.43
CA LYS A 47 -9.30 8.99 -3.61
C LYS A 47 -7.83 8.62 -3.72
N GLN A 48 -7.36 7.77 -2.83
CA GLN A 48 -5.95 7.40 -2.86
C GLN A 48 -5.53 6.58 -4.08
N LEU A 49 -6.46 5.82 -4.66
CA LEU A 49 -6.13 5.03 -5.84
C LEU A 49 -5.60 5.89 -6.98
N PHE A 50 -6.14 7.10 -7.14
CA PHE A 50 -5.67 7.99 -8.20
C PHE A 50 -4.23 8.38 -7.88
N THR A 51 -3.97 8.69 -6.62
CA THR A 51 -2.64 9.09 -6.18
C THR A 51 -1.64 7.93 -6.27
N LEU A 52 -2.14 6.71 -6.10
CA LEU A 52 -1.29 5.52 -6.16
C LEU A 52 -0.67 5.40 -7.54
N VAL A 53 -1.47 5.65 -8.57
CA VAL A 53 -0.99 5.57 -9.94
C VAL A 53 0.16 6.55 -10.14
N GLU A 54 0.02 7.76 -9.62
CA GLU A 54 1.08 8.76 -9.73
C GLU A 54 2.30 8.31 -8.95
N TRP A 55 2.09 7.79 -7.75
CA TRP A 55 3.20 7.29 -6.94
C TRP A 55 4.01 6.26 -7.75
N ALA A 56 3.31 5.26 -8.28
CA ALA A 56 3.94 4.21 -9.06
C ALA A 56 4.80 4.77 -10.20
N LYS A 57 4.23 5.68 -10.98
CA LYS A 57 4.95 6.28 -12.11
C LYS A 57 6.25 6.92 -11.65
N ARG A 58 6.30 7.34 -10.40
CA ARG A 58 7.51 7.97 -9.85
C ARG A 58 8.53 6.92 -9.38
N ILE A 59 8.11 5.66 -9.33
CA ILE A 59 9.03 4.60 -8.92
C ILE A 59 9.86 4.19 -10.14
N PRO A 60 11.20 4.23 -10.02
CA PRO A 60 12.13 3.89 -11.09
C PRO A 60 11.78 2.63 -11.87
N HIS A 61 11.84 2.75 -13.18
CA HIS A 61 11.58 1.67 -14.11
C HIS A 61 10.16 1.10 -14.16
N PHE A 62 9.29 1.52 -13.25
CA PHE A 62 7.92 1.03 -13.24
C PHE A 62 7.20 1.35 -14.55
N SER A 63 7.35 2.58 -15.02
CA SER A 63 6.70 3.00 -16.27
C SER A 63 7.34 2.41 -17.52
N GLU A 64 8.52 1.82 -17.38
CA GLU A 64 9.19 1.24 -18.52
C GLU A 64 8.68 -0.18 -18.76
N LEU A 65 7.75 -0.62 -17.93
CA LEU A 65 7.16 -1.95 -18.09
C LEU A 65 5.97 -1.88 -19.02
N PRO A 66 5.65 -2.97 -19.74
CA PRO A 66 4.50 -2.97 -20.64
C PRO A 66 3.23 -2.59 -19.88
N LEU A 67 2.44 -1.69 -20.47
CA LEU A 67 1.21 -1.22 -19.85
C LEU A 67 0.41 -2.29 -19.11
N ASP A 68 0.15 -3.41 -19.80
CA ASP A 68 -0.63 -4.51 -19.23
C ASP A 68 -0.03 -4.97 -17.92
N ASP A 69 1.30 -5.04 -17.86
CA ASP A 69 2.00 -5.48 -16.65
C ASP A 69 1.85 -4.43 -15.51
N GLN A 70 1.88 -3.14 -15.87
CA GLN A 70 1.72 -2.10 -14.88
C GLN A 70 0.31 -2.24 -14.28
N VAL A 71 -0.67 -2.47 -15.14
CA VAL A 71 -2.04 -2.65 -14.70
C VAL A 71 -2.12 -3.86 -13.76
N ILE A 72 -1.46 -4.94 -14.13
CA ILE A 72 -1.45 -6.17 -13.33
C ILE A 72 -0.86 -5.99 -11.95
N LEU A 73 0.30 -5.36 -11.87
CA LEU A 73 0.94 -5.11 -10.59
C LEU A 73 0.11 -4.24 -9.64
N LEU A 74 -0.46 -3.15 -10.16
CA LEU A 74 -1.28 -2.24 -9.34
C LEU A 74 -2.58 -2.88 -8.87
N ARG A 75 -3.25 -3.63 -9.73
CA ARG A 75 -4.49 -4.27 -9.36
C ARG A 75 -4.20 -5.38 -8.34
N ALA A 76 -2.97 -5.85 -8.33
CA ALA A 76 -2.59 -6.90 -7.38
C ALA A 76 -2.11 -6.35 -6.04
N GLY A 77 -1.55 -5.14 -6.03
CA GLY A 77 -1.04 -4.60 -4.78
C GLY A 77 -1.67 -3.35 -4.19
N TRP A 78 -2.66 -2.80 -4.88
CA TRP A 78 -3.30 -1.58 -4.39
C TRP A 78 -3.73 -1.63 -2.94
N ASN A 79 -4.44 -2.69 -2.57
CA ASN A 79 -4.93 -2.82 -1.20
C ASN A 79 -3.80 -2.87 -0.18
N GLU A 80 -2.78 -3.67 -0.41
CA GLU A 80 -1.67 -3.68 0.56
C GLU A 80 -0.89 -2.35 0.49
N LEU A 81 -0.79 -1.76 -0.69
CA LEU A 81 -0.07 -0.50 -0.83
C LEU A 81 -0.71 0.64 -0.07
N LEU A 82 -2.03 0.74 -0.13
CA LEU A 82 -2.77 1.79 0.58
C LEU A 82 -2.79 1.53 2.08
N ILE A 83 -2.86 0.27 2.48
CA ILE A 83 -2.86 -0.04 3.89
C ILE A 83 -1.50 0.42 4.48
N ALA A 84 -0.41 0.08 3.78
CA ALA A 84 0.91 0.46 4.26
C ALA A 84 1.04 1.96 4.40
N SER A 85 0.43 2.70 3.49
CA SER A 85 0.49 4.14 3.53
C SER A 85 -0.25 4.79 4.70
N PHE A 86 -1.53 4.51 4.87
CA PHE A 86 -2.26 5.14 5.97
C PHE A 86 -1.84 4.58 7.34
N SER A 87 -1.23 3.40 7.35
CA SER A 87 -0.76 2.82 8.60
C SER A 87 0.43 3.60 9.08
N HIS A 88 1.31 3.94 8.16
CA HIS A 88 2.50 4.68 8.53
C HIS A 88 2.12 6.12 8.88
N ARG A 89 1.11 6.64 8.18
CA ARG A 89 0.61 7.99 8.42
C ARG A 89 -0.09 8.10 9.79
N SER A 90 -0.55 6.97 10.32
CA SER A 90 -1.26 6.94 11.60
C SER A 90 -0.38 6.65 12.83
N ILE A 91 0.93 6.64 12.64
CA ILE A 91 1.85 6.36 13.74
C ILE A 91 1.67 7.27 14.96
N ALA A 92 1.46 8.56 14.71
CA ALA A 92 1.27 9.53 15.78
C ALA A 92 -0.14 9.50 16.35
N VAL A 93 -1.05 8.83 15.66
CA VAL A 93 -2.45 8.73 16.12
C VAL A 93 -2.55 7.87 17.37
N LYS A 94 -3.45 8.25 18.28
CA LYS A 94 -3.66 7.53 19.53
C LYS A 94 -4.18 6.11 19.25
N ASP A 95 -5.50 5.94 19.21
CA ASP A 95 -6.05 4.62 18.94
C ASP A 95 -6.94 4.72 17.71
N GLY A 96 -6.31 4.83 16.55
CA GLY A 96 -7.06 4.94 15.31
C GLY A 96 -6.18 5.24 14.13
N ILE A 97 -6.77 5.61 13.00
CA ILE A 97 -5.96 5.91 11.83
C ILE A 97 -6.37 7.25 11.24
N LEU A 98 -5.45 7.85 10.49
CA LEU A 98 -5.69 9.13 9.84
C LEU A 98 -5.92 8.89 8.35
N LEU A 99 -7.09 9.26 7.86
CA LEU A 99 -7.40 9.06 6.44
C LEU A 99 -6.81 10.19 5.59
N ALA A 100 -6.58 9.92 4.31
CA ALA A 100 -6.00 10.90 3.40
C ALA A 100 -6.91 12.11 3.26
N THR A 101 -8.19 11.93 3.61
CA THR A 101 -9.15 13.02 3.54
C THR A 101 -9.07 13.94 4.75
N GLY A 102 -8.18 13.62 5.69
CA GLY A 102 -8.06 14.44 6.87
C GLY A 102 -8.93 13.97 8.02
N LEU A 103 -9.79 12.97 7.75
CA LEU A 103 -10.68 12.40 8.76
C LEU A 103 -9.97 11.39 9.64
N HIS A 104 -10.45 11.25 10.88
CA HIS A 104 -9.85 10.31 11.80
C HIS A 104 -10.85 9.21 12.14
N VAL A 105 -10.38 7.96 12.13
CA VAL A 105 -11.23 6.84 12.49
C VAL A 105 -10.67 6.26 13.79
N HIS A 106 -11.41 6.45 14.88
CA HIS A 106 -10.99 5.95 16.18
C HIS A 106 -11.36 4.46 16.28
N ARG A 107 -10.54 3.73 17.03
CA ARG A 107 -10.72 2.30 17.26
C ARG A 107 -12.16 1.97 17.70
N ASN A 108 -12.68 2.75 18.64
CA ASN A 108 -14.04 2.51 19.13
C ASN A 108 -15.06 2.69 18.02
N SER A 109 -14.81 3.64 17.14
CA SER A 109 -15.72 3.92 16.04
C SER A 109 -15.73 2.78 15.03
N ALA A 110 -14.56 2.25 14.73
CA ALA A 110 -14.48 1.13 13.80
C ALA A 110 -15.15 -0.09 14.45
N HIS A 111 -15.02 -0.20 15.77
CA HIS A 111 -15.61 -1.32 16.47
C HIS A 111 -17.13 -1.20 16.42
N SER A 112 -17.65 0.01 16.63
CA SER A 112 -19.09 0.24 16.61
C SER A 112 -19.70 0.09 15.23
N ALA A 113 -18.85 -0.09 14.22
CA ALA A 113 -19.33 -0.24 12.85
C ALA A 113 -19.27 -1.68 12.36
N GLY A 114 -18.72 -2.56 13.19
CA GLY A 114 -18.64 -3.97 12.83
C GLY A 114 -17.32 -4.36 12.20
N VAL A 115 -16.37 -3.45 12.21
CA VAL A 115 -15.06 -3.75 11.64
C VAL A 115 -13.93 -3.70 12.65
N GLY A 116 -14.27 -3.90 13.93
CA GLY A 116 -13.28 -3.85 15.00
C GLY A 116 -12.12 -4.83 14.88
N ALA A 117 -12.41 -6.09 14.55
CA ALA A 117 -11.40 -7.13 14.42
C ALA A 117 -10.26 -6.75 13.44
N ILE A 118 -10.62 -6.49 12.20
CA ILE A 118 -9.63 -6.14 11.19
C ILE A 118 -8.93 -4.83 11.56
N PHE A 119 -9.71 -3.85 12.01
CA PHE A 119 -9.18 -2.54 12.39
C PHE A 119 -8.10 -2.71 13.44
N ASP A 120 -8.39 -3.49 14.49
CA ASP A 120 -7.44 -3.76 15.56
C ASP A 120 -6.16 -4.44 15.02
N ARG A 121 -6.30 -5.34 14.03
CA ARG A 121 -5.15 -6.01 13.42
C ARG A 121 -4.25 -4.97 12.75
N VAL A 122 -4.86 -3.99 12.11
CA VAL A 122 -4.09 -2.93 11.46
C VAL A 122 -3.25 -2.17 12.49
N LEU A 123 -3.88 -1.83 13.60
CA LEU A 123 -3.21 -1.09 14.67
C LEU A 123 -2.13 -1.88 15.35
N THR A 124 -2.44 -3.13 15.67
CA THR A 124 -1.51 -4.01 16.34
C THR A 124 -0.38 -4.56 15.49
N GLU A 125 -0.69 -5.07 14.32
CA GLU A 125 0.34 -5.67 13.46
C GLU A 125 1.09 -4.67 12.59
N LEU A 126 0.43 -3.57 12.26
CA LEU A 126 1.08 -2.57 11.41
C LEU A 126 1.44 -1.24 12.06
N VAL A 127 0.45 -0.41 12.36
CA VAL A 127 0.65 0.91 12.95
C VAL A 127 1.52 0.85 14.20
N SER A 128 1.18 -0.05 15.11
CA SER A 128 1.96 -0.14 16.33
C SER A 128 3.43 -0.49 16.11
N LYS A 129 3.70 -1.45 15.23
CA LYS A 129 5.05 -1.89 14.96
C LYS A 129 5.86 -0.85 14.19
N MET A 130 5.18 -0.11 13.31
CA MET A 130 5.87 0.90 12.55
C MET A 130 6.36 1.95 13.52
N ARG A 131 5.52 2.27 14.50
CA ARG A 131 5.85 3.26 15.54
C ARG A 131 6.94 2.79 16.49
N ASP A 132 6.91 1.53 16.88
CA ASP A 132 7.92 0.99 17.80
C ASP A 132 9.33 1.06 17.23
N MET A 133 9.48 0.76 15.94
CA MET A 133 10.80 0.79 15.31
C MET A 133 11.12 2.11 14.65
N GLN A 134 10.16 3.03 14.68
CA GLN A 134 10.34 4.34 14.08
C GLN A 134 10.59 4.26 12.56
N MET A 135 9.89 3.36 11.89
CA MET A 135 10.04 3.20 10.44
C MET A 135 9.99 4.56 9.76
N ASP A 136 10.97 4.89 8.92
CA ASP A 136 10.97 6.19 8.24
C ASP A 136 10.32 6.10 6.87
N LYS A 137 10.06 7.26 6.25
CA LYS A 137 9.41 7.32 4.93
C LYS A 137 10.17 6.57 3.83
N THR A 138 11.49 6.62 3.90
CA THR A 138 12.32 5.94 2.93
C THR A 138 12.09 4.45 3.04
N GLU A 139 11.98 3.95 4.27
CA GLU A 139 11.78 2.52 4.48
C GLU A 139 10.37 2.12 4.03
N LEU A 140 9.41 3.00 4.29
CA LEU A 140 8.04 2.78 3.91
C LEU A 140 7.95 2.69 2.38
N GLY A 141 8.65 3.61 1.73
CA GLY A 141 8.65 3.67 0.29
C GLY A 141 9.25 2.45 -0.37
N CYS A 142 10.35 1.98 0.22
CA CYS A 142 11.04 0.83 -0.30
C CYS A 142 10.18 -0.42 -0.16
N LEU A 143 9.47 -0.53 0.96
CA LEU A 143 8.61 -1.67 1.19
C LEU A 143 7.42 -1.66 0.23
N ARG A 144 6.87 -0.47 -0.02
CA ARG A 144 5.76 -0.39 -0.95
C ARG A 144 6.29 -0.74 -2.35
N ALA A 145 7.53 -0.35 -2.62
CA ALA A 145 8.08 -0.68 -3.93
C ALA A 145 8.21 -2.19 -4.08
N ILE A 146 8.59 -2.88 -3.01
CA ILE A 146 8.72 -4.34 -3.03
C ILE A 146 7.37 -5.00 -3.28
N VAL A 147 6.32 -4.45 -2.67
CA VAL A 147 4.97 -4.94 -2.82
C VAL A 147 4.50 -4.69 -4.27
N LEU A 148 4.76 -3.49 -4.79
CA LEU A 148 4.39 -3.15 -6.14
C LEU A 148 5.00 -4.17 -7.11
N PHE A 149 6.32 -4.34 -7.01
CA PHE A 149 7.04 -5.29 -7.84
C PHE A 149 6.88 -6.74 -7.36
N ASN A 150 5.65 -7.24 -7.42
CA ASN A 150 5.37 -8.61 -6.99
C ASN A 150 5.47 -9.55 -8.18
N PRO A 151 6.55 -10.34 -8.25
CA PRO A 151 6.76 -11.27 -9.36
C PRO A 151 5.77 -12.43 -9.39
N ASP A 152 5.04 -12.63 -8.30
CA ASP A 152 4.06 -13.71 -8.21
C ASP A 152 2.70 -13.35 -8.84
N SER A 153 2.56 -12.11 -9.30
CA SER A 153 1.31 -11.67 -9.93
C SER A 153 1.06 -12.48 -11.20
N LYS A 154 -0.12 -13.09 -11.27
CA LYS A 154 -0.51 -13.93 -12.42
C LYS A 154 -0.72 -13.09 -13.68
N GLY A 155 -0.31 -13.64 -14.84
CA GLY A 155 -0.50 -12.93 -16.09
C GLY A 155 0.65 -12.05 -16.55
N LEU A 156 1.58 -11.81 -15.65
CA LEU A 156 2.73 -10.97 -15.99
C LEU A 156 3.41 -11.48 -17.27
N SER A 157 3.64 -10.58 -18.21
CA SER A 157 4.30 -10.94 -19.48
C SER A 157 5.74 -11.36 -19.23
N ASN A 158 6.39 -10.73 -18.25
CA ASN A 158 7.78 -11.06 -17.93
C ASN A 158 8.02 -11.01 -16.42
N PRO A 159 7.60 -12.07 -15.71
CA PRO A 159 7.77 -12.13 -14.25
C PRO A 159 9.22 -11.99 -13.75
N ALA A 160 10.17 -12.52 -14.53
CA ALA A 160 11.58 -12.45 -14.18
C ALA A 160 12.00 -10.99 -14.07
N GLU A 161 11.50 -10.16 -14.97
CA GLU A 161 11.82 -8.74 -14.98
C GLU A 161 11.33 -8.07 -13.67
N VAL A 162 10.09 -8.34 -13.27
CA VAL A 162 9.55 -7.76 -12.05
C VAL A 162 10.38 -8.25 -10.88
N GLU A 163 10.79 -9.51 -10.97
CA GLU A 163 11.62 -10.09 -9.91
C GLU A 163 12.92 -9.27 -9.75
N ALA A 164 13.57 -8.98 -10.87
CA ALA A 164 14.82 -8.22 -10.84
C ALA A 164 14.62 -6.87 -10.16
N LEU A 165 13.55 -6.17 -10.51
CA LEU A 165 13.28 -4.86 -9.93
C LEU A 165 13.10 -4.97 -8.42
N ARG A 166 12.35 -5.96 -7.99
CA ARG A 166 12.13 -6.20 -6.56
C ARG A 166 13.48 -6.39 -5.86
N GLU A 167 14.37 -7.16 -6.48
CA GLU A 167 15.67 -7.43 -5.91
C GLU A 167 16.52 -6.14 -5.75
N LYS A 168 16.49 -5.31 -6.79
CA LYS A 168 17.24 -4.07 -6.78
C LYS A 168 16.70 -3.17 -5.70
N VAL A 169 15.39 -3.27 -5.44
CA VAL A 169 14.79 -2.45 -4.40
C VAL A 169 15.23 -2.85 -2.99
N TYR A 170 15.12 -4.12 -2.66
CA TYR A 170 15.51 -4.53 -1.32
C TYR A 170 17.02 -4.55 -1.15
N ALA A 171 17.75 -4.37 -2.25
CA ALA A 171 19.20 -4.33 -2.17
C ALA A 171 19.56 -2.91 -1.73
N SER A 172 18.86 -1.94 -2.30
CA SER A 172 19.09 -0.54 -1.95
C SER A 172 18.54 -0.31 -0.54
N LEU A 173 17.47 -1.02 -0.20
CA LEU A 173 16.85 -0.85 1.11
C LEU A 173 17.79 -1.29 2.23
N GLU A 174 18.41 -2.44 2.05
CA GLU A 174 19.33 -2.97 3.04
C GLU A 174 20.54 -2.05 3.17
N ALA A 175 21.01 -1.56 2.03
CA ALA A 175 22.15 -0.66 2.02
C ALA A 175 21.74 0.56 2.82
N TYR A 176 20.55 1.11 2.54
CA TYR A 176 20.06 2.28 3.27
C TYR A 176 20.12 2.01 4.76
N CYS A 177 19.61 0.83 5.14
CA CYS A 177 19.67 0.41 6.55
C CYS A 177 21.15 0.03 6.77
N LYS A 178 21.54 -0.25 8.01
CA LYS A 178 22.94 -0.62 8.30
C LYS A 178 23.86 0.58 8.11
N HIS A 179 23.38 1.56 7.37
CA HIS A 179 24.14 2.78 7.12
C HIS A 179 23.51 3.93 7.91
N LYS A 180 22.18 4.00 7.87
CA LYS A 180 21.43 5.02 8.60
C LYS A 180 21.20 4.51 10.02
N TYR A 181 21.05 3.19 10.16
CA TYR A 181 20.83 2.59 11.48
C TYR A 181 21.81 1.44 11.67
N PRO A 182 23.11 1.76 11.74
CA PRO A 182 24.15 0.73 11.92
C PRO A 182 24.00 -0.05 13.21
N GLU A 183 23.52 0.64 14.24
CA GLU A 183 23.33 0.03 15.54
C GLU A 183 22.25 -1.08 15.53
N GLN A 184 21.40 -1.09 14.51
CA GLN A 184 20.33 -2.11 14.42
C GLN A 184 20.56 -3.04 13.22
N PRO A 185 21.39 -4.07 13.39
CA PRO A 185 21.68 -5.04 12.33
C PRO A 185 20.48 -5.88 11.86
N GLY A 186 19.45 -5.96 12.70
CA GLY A 186 18.29 -6.74 12.34
C GLY A 186 17.13 -5.92 11.81
N ARG A 187 17.40 -4.65 11.51
CA ARG A 187 16.35 -3.77 11.03
C ARG A 187 15.79 -4.15 9.68
N PHE A 188 16.68 -4.36 8.72
CA PHE A 188 16.30 -4.74 7.36
C PHE A 188 15.36 -5.94 7.37
N ALA A 189 15.71 -6.94 8.17
CA ALA A 189 14.90 -8.15 8.28
C ALA A 189 13.57 -7.85 8.97
N LYS A 190 13.60 -6.93 9.95
CA LYS A 190 12.40 -6.57 10.68
C LYS A 190 11.38 -5.90 9.76
N LEU A 191 11.84 -5.05 8.85
CA LEU A 191 10.96 -4.38 7.90
C LEU A 191 10.35 -5.41 6.94
N LEU A 192 11.18 -6.31 6.41
CA LEU A 192 10.66 -7.31 5.51
C LEU A 192 9.67 -8.25 6.20
N LEU A 193 9.87 -8.51 7.50
CA LEU A 193 8.96 -9.40 8.21
C LEU A 193 7.63 -8.76 8.64
N ARG A 194 7.31 -7.62 8.07
CA ARG A 194 6.04 -6.96 8.32
C ARG A 194 5.14 -7.28 7.11
N LEU A 195 5.75 -7.77 6.03
CA LEU A 195 5.00 -8.08 4.80
C LEU A 195 4.05 -9.24 4.94
N PRO A 196 4.42 -10.25 5.72
CA PRO A 196 3.50 -11.37 5.88
C PRO A 196 2.19 -10.86 6.48
N ALA A 197 2.29 -9.98 7.49
CA ALA A 197 1.12 -9.41 8.14
C ALA A 197 0.34 -8.52 7.17
N LEU A 198 1.09 -7.74 6.40
CA LEU A 198 0.47 -6.86 5.43
C LEU A 198 -0.33 -7.65 4.39
N ARG A 199 0.21 -8.76 3.91
CA ARG A 199 -0.46 -9.63 2.93
C ARG A 199 -1.80 -10.18 3.51
N SER A 200 -1.76 -10.58 4.78
CA SER A 200 -2.93 -11.14 5.46
C SER A 200 -4.03 -10.11 5.67
N ILE A 201 -3.64 -8.98 6.26
CA ILE A 201 -4.53 -7.87 6.51
C ILE A 201 -5.12 -7.40 5.18
N GLY A 202 -4.28 -7.37 4.14
CA GLY A 202 -4.74 -6.95 2.82
C GLY A 202 -5.83 -7.86 2.29
N LEU A 203 -5.64 -9.16 2.46
CA LEU A 203 -6.61 -10.16 2.00
C LEU A 203 -7.93 -10.06 2.76
N LYS A 204 -7.83 -9.79 4.07
CA LYS A 204 -9.03 -9.66 4.90
C LYS A 204 -9.85 -8.42 4.53
N CYS A 205 -9.20 -7.29 4.23
CA CYS A 205 -9.89 -6.04 3.88
C CYS A 205 -10.68 -6.20 2.59
N LEU A 206 -10.14 -6.98 1.67
CA LEU A 206 -10.81 -7.24 0.40
C LEU A 206 -12.07 -8.00 0.64
N GLU A 207 -12.00 -9.03 1.49
CA GLU A 207 -13.18 -9.82 1.79
C GLU A 207 -14.29 -8.92 2.28
N HIS A 208 -13.97 -8.05 3.24
CA HIS A 208 -14.95 -7.12 3.81
C HIS A 208 -15.56 -6.28 2.71
N LEU A 209 -14.69 -5.71 1.87
CA LEU A 209 -15.09 -4.87 0.75
C LEU A 209 -16.04 -5.58 -0.19
N PHE A 210 -15.73 -6.83 -0.51
CA PHE A 210 -16.57 -7.64 -1.39
C PHE A 210 -17.93 -7.89 -0.75
N PHE A 211 -17.94 -8.07 0.56
CA PHE A 211 -19.20 -8.30 1.26
C PHE A 211 -20.03 -7.00 1.24
N PHE A 212 -19.37 -5.86 1.45
CA PHE A 212 -20.05 -4.57 1.43
C PHE A 212 -20.69 -4.32 0.06
N LYS A 213 -19.96 -4.68 -0.99
CA LYS A 213 -20.44 -4.50 -2.35
C LYS A 213 -21.64 -5.41 -2.62
N LEU A 214 -21.62 -6.61 -2.04
CA LEU A 214 -22.68 -7.59 -2.19
C LEU A 214 -23.98 -7.11 -1.51
N ILE A 215 -23.85 -6.62 -0.28
CA ILE A 215 -24.99 -6.13 0.48
C ILE A 215 -25.56 -4.85 -0.12
N GLY A 216 -24.74 -4.18 -0.93
CA GLY A 216 -25.22 -2.96 -1.55
C GLY A 216 -25.00 -1.71 -0.73
N ASP A 217 -25.06 -1.83 0.59
CA ASP A 217 -24.84 -0.68 1.44
C ASP A 217 -23.41 -0.19 1.23
N THR A 218 -23.09 0.97 1.79
CA THR A 218 -21.76 1.54 1.67
C THR A 218 -21.44 1.92 0.22
N PRO A 219 -21.56 3.20 -0.11
CA PRO A 219 -21.29 3.70 -1.46
C PRO A 219 -19.85 3.38 -1.88
N ILE A 220 -19.68 2.82 -3.07
CA ILE A 220 -18.36 2.50 -3.57
C ILE A 220 -18.14 3.27 -4.86
N ASP A 221 -17.15 4.16 -4.87
CA ASP A 221 -16.85 4.97 -6.04
C ASP A 221 -16.33 4.16 -7.23
N THR A 222 -16.29 4.80 -8.39
CA THR A 222 -15.86 4.17 -9.63
C THR A 222 -14.48 3.52 -9.65
N PHE A 223 -13.49 4.17 -9.05
CA PHE A 223 -12.14 3.61 -9.08
C PHE A 223 -12.02 2.42 -8.16
N LEU A 224 -12.53 2.55 -6.94
CA LEU A 224 -12.49 1.45 -5.99
C LEU A 224 -13.29 0.30 -6.59
N MET A 225 -14.46 0.61 -7.17
CA MET A 225 -15.32 -0.41 -7.77
C MET A 225 -14.58 -1.17 -8.88
N GLU A 226 -13.81 -0.44 -9.70
CA GLU A 226 -13.08 -1.08 -10.80
C GLU A 226 -12.04 -2.08 -10.28
N MET A 227 -11.45 -1.78 -9.12
CA MET A 227 -10.45 -2.68 -8.53
C MET A 227 -11.15 -3.94 -8.01
N LEU A 228 -12.42 -3.81 -7.62
CA LEU A 228 -13.18 -4.94 -7.14
C LEU A 228 -13.79 -5.75 -8.29
N GLU A 229 -13.30 -5.50 -9.51
CA GLU A 229 -13.78 -6.21 -10.71
C GLU A 229 -13.14 -7.59 -10.83
N ALA A 230 -13.20 -8.15 -12.04
CA ALA A 230 -12.64 -9.46 -12.29
C ALA A 230 -11.43 -9.34 -13.22
N PRO A 231 -10.38 -10.16 -12.99
CA PRO A 231 -10.29 -11.17 -11.93
C PRO A 231 -10.34 -10.56 -10.52
N LYS B 1 -11.91 -3.69 -20.06
CA LYS B 1 -11.50 -4.09 -18.69
C LYS B 1 -10.46 -3.14 -18.13
N HIS B 2 -10.62 -2.74 -16.86
CA HIS B 2 -9.67 -1.84 -16.20
C HIS B 2 -9.60 -0.51 -16.95
N LYS B 3 -10.77 0.01 -17.32
CA LYS B 3 -10.87 1.26 -18.06
C LYS B 3 -10.08 2.42 -17.41
N ILE B 4 -10.55 2.87 -16.25
CA ILE B 4 -9.95 3.97 -15.53
C ILE B 4 -8.44 3.84 -15.35
N LEU B 5 -8.02 2.72 -14.79
CA LEU B 5 -6.61 2.46 -14.54
C LEU B 5 -5.73 2.69 -15.75
N HIS B 6 -6.11 2.12 -16.90
CA HIS B 6 -5.32 2.26 -18.13
C HIS B 6 -5.16 3.71 -18.57
N ARG B 7 -6.27 4.45 -18.53
CA ARG B 7 -6.26 5.85 -18.93
C ARG B 7 -5.29 6.66 -18.10
N LEU B 8 -5.28 6.40 -16.79
CA LEU B 8 -4.39 7.12 -15.87
C LEU B 8 -2.92 6.76 -16.07
N LEU B 9 -2.65 5.49 -16.36
CA LEU B 9 -1.28 5.01 -16.56
C LEU B 9 -0.72 5.49 -17.89
N GLN B 10 -1.59 5.78 -18.84
CA GLN B 10 -1.18 6.22 -20.16
C GLN B 10 -0.76 7.68 -20.17
N ASP B 11 -1.52 8.53 -19.50
CA ASP B 11 -1.19 9.95 -19.47
C ASP B 11 0.08 10.23 -18.66
C2' R4M C . -8.40 -0.44 5.03
C1' R4M C . -8.65 -0.09 6.49
C18 R4M C . -9.55 -1.11 7.18
C4' R4M C . -9.87 -0.69 8.62
C5 R4M C . -10.84 -1.35 6.40
C4 R4M C . -11.96 -1.84 7.05
C3 R4M C . -13.14 -2.08 6.37
C2 R4M C . -13.21 -1.85 5.01
C1 R4M C . -12.10 -1.37 4.34
C6 R4M C . -10.93 -1.13 5.03
C7 R4M C . -9.69 -0.83 4.31
C8 R4M C . -9.76 -0.91 2.92
C9 R4M C . -8.63 -0.67 2.00
C19 R4M C . -8.14 -1.86 1.17
C10 R4M C . -7.98 0.55 1.84
C11 R4M C . -8.27 1.81 2.52
C12 R4M C . -7.39 2.84 2.19
C13 R4M C . -7.42 4.20 2.73
C20 R4M C . -8.61 4.68 3.56
C14 R4M C . -6.32 5.00 2.43
C15 R4M C . -6.23 6.38 2.92
O1 R4M C . -5.08 6.86 3.05
O2 R4M C . -7.28 7.00 3.22
#